data_5N08
#
_entry.id   5N08
#
_cell.length_a   159.530
_cell.length_b   159.530
_cell.length_c   76.560
_cell.angle_alpha   90.000
_cell.angle_beta   90.000
_cell.angle_gamma   120.000
#
_symmetry.space_group_name_H-M   'P 32 2 1'
#
_entity_poly.entity_id   1
_entity_poly.type   'polypeptide(L)'
_entity_poly.pdbx_seq_one_letter_code
;MRLTKFTDLALRSLMRLAVVRDGDEPLATREVAEVVGVPYTHAAKAITRLQHLGVVEARRGRGGGLTLTDLGRRVSVGWL
VRELEGEAEVVDAEGDNPAPLRGAARLRRALRDAQEAFYAALDPLTVTDLVAAPTGPVLLGLTDRPSGKLAAALEHHHHH
H
;
_entity_poly.pdbx_strand_id   A,B,C,D,E
#
# COMPACT_ATOMS: atom_id res chain seq x y z
N ARG A 2 -10.62 28.98 -18.29
CA ARG A 2 -11.33 28.58 -19.50
C ARG A 2 -11.55 27.08 -19.52
N LEU A 3 -12.27 26.61 -20.54
CA LEU A 3 -12.71 25.22 -20.65
C LEU A 3 -11.94 24.48 -21.74
N THR A 4 -12.48 23.35 -22.18
CA THR A 4 -11.96 22.57 -23.30
C THR A 4 -12.81 22.83 -24.53
N LYS A 5 -12.15 22.95 -25.69
CA LYS A 5 -12.89 23.11 -26.94
C LYS A 5 -13.88 21.97 -27.13
N PHE A 6 -13.47 20.74 -26.79
CA PHE A 6 -14.40 19.62 -26.87
C PHE A 6 -15.50 19.72 -25.83
N THR A 7 -15.13 19.91 -24.55
CA THR A 7 -16.12 20.05 -23.49
C THR A 7 -17.19 21.07 -23.88
N ASP A 8 -16.74 22.27 -24.25
CA ASP A 8 -17.59 23.28 -24.86
C ASP A 8 -18.51 22.69 -25.92
N LEU A 9 -17.91 22.09 -26.96
CA LEU A 9 -18.67 21.52 -28.07
C LEU A 9 -19.81 20.61 -27.60
N ALA A 10 -19.50 19.67 -26.71
CA ALA A 10 -20.51 18.72 -26.24
C ALA A 10 -21.61 19.44 -25.47
N LEU A 11 -21.23 20.37 -24.60
CA LEU A 11 -22.21 21.17 -23.87
C LEU A 11 -23.18 21.87 -24.80
N ARG A 12 -22.65 22.65 -25.75
CA ARG A 12 -23.50 23.32 -26.73
C ARG A 12 -24.39 22.32 -27.44
N SER A 13 -23.86 21.13 -27.76
CA SER A 13 -24.64 20.16 -28.53
C SER A 13 -25.86 19.67 -27.76
N LEU A 14 -25.64 19.12 -26.58
CA LEU A 14 -26.78 18.63 -25.80
C LEU A 14 -27.68 19.76 -25.35
N MET A 15 -27.11 20.96 -25.22
CA MET A 15 -27.90 22.16 -24.90
C MET A 15 -28.87 22.48 -26.02
N ARG A 16 -28.41 22.33 -27.26
CA ARG A 16 -29.27 22.49 -28.42
C ARG A 16 -30.29 21.34 -28.51
N LEU A 17 -29.87 20.11 -28.19
CA LEU A 17 -30.82 18.99 -28.19
C LEU A 17 -31.84 19.13 -27.08
N ALA A 18 -31.53 19.91 -26.03
CA ALA A 18 -32.51 20.20 -25.00
C ALA A 18 -33.65 21.06 -25.53
N VAL A 19 -33.37 21.89 -26.55
CA VAL A 19 -34.27 22.94 -27.00
C VAL A 19 -35.60 22.35 -27.48
N VAL A 20 -35.59 21.61 -28.58
CA VAL A 20 -36.83 21.10 -29.15
C VAL A 20 -37.30 19.92 -28.31
N ARG A 21 -38.57 19.98 -27.88
CA ARG A 21 -39.17 18.91 -27.09
C ARG A 21 -40.48 18.40 -27.65
N ASP A 22 -41.18 19.17 -28.47
CA ASP A 22 -42.38 18.72 -29.15
C ASP A 22 -41.99 18.14 -30.51
N GLY A 23 -42.98 17.78 -31.31
CA GLY A 23 -42.71 17.30 -32.65
C GLY A 23 -42.22 18.43 -33.55
N ASP A 24 -41.14 19.09 -33.14
CA ASP A 24 -40.72 20.33 -33.78
C ASP A 24 -40.11 20.05 -35.15
N GLU A 25 -39.15 19.13 -35.22
CA GLU A 25 -38.43 18.94 -36.48
C GLU A 25 -37.58 17.67 -36.44
N PRO A 26 -37.03 17.24 -37.58
CA PRO A 26 -36.03 16.17 -37.57
C PRO A 26 -34.67 16.75 -37.24
N LEU A 27 -34.00 16.17 -36.23
CA LEU A 27 -32.68 16.63 -35.81
C LEU A 27 -31.77 15.42 -35.68
N ALA A 28 -30.65 15.44 -36.42
CA ALA A 28 -29.63 14.40 -36.34
C ALA A 28 -28.27 15.10 -36.24
N THR A 29 -27.20 14.36 -36.54
CA THR A 29 -25.86 14.92 -36.41
C THR A 29 -25.56 15.97 -37.47
N ARG A 30 -26.18 15.89 -38.65
CA ARG A 30 -26.02 16.94 -39.65
C ARG A 30 -26.64 18.25 -39.16
N GLU A 31 -27.88 18.18 -38.70
CA GLU A 31 -28.59 19.36 -38.24
C GLU A 31 -27.85 20.05 -37.11
N VAL A 32 -27.37 19.28 -36.12
CA VAL A 32 -26.78 19.90 -34.95
C VAL A 32 -25.34 20.34 -35.23
N ALA A 33 -24.64 19.62 -36.11
CA ALA A 33 -23.33 20.08 -36.57
C ALA A 33 -23.45 21.45 -37.23
N GLU A 34 -24.51 21.66 -38.02
CA GLU A 34 -24.77 22.99 -38.54
C GLU A 34 -25.10 23.96 -37.40
N VAL A 35 -26.06 23.57 -36.54
CA VAL A 35 -26.65 24.51 -35.57
C VAL A 35 -25.58 25.11 -34.68
N VAL A 36 -24.78 24.28 -34.02
CA VAL A 36 -23.78 24.84 -33.11
C VAL A 36 -22.58 25.42 -33.85
N GLY A 37 -22.53 25.26 -35.17
CA GLY A 37 -21.55 25.96 -35.98
C GLY A 37 -20.18 25.32 -35.99
N VAL A 38 -20.12 24.03 -36.30
CA VAL A 38 -18.87 23.28 -36.29
C VAL A 38 -18.89 22.23 -37.40
N PRO A 39 -17.74 21.71 -37.81
CA PRO A 39 -17.74 20.60 -38.77
C PRO A 39 -18.48 19.39 -38.24
N TYR A 40 -18.85 18.49 -39.16
CA TYR A 40 -19.50 17.24 -38.78
C TYR A 40 -18.53 16.32 -38.03
N THR A 41 -17.23 16.45 -38.29
CA THR A 41 -16.23 15.55 -37.72
C THR A 41 -16.09 15.76 -36.21
N HIS A 42 -16.15 17.01 -35.74
CA HIS A 42 -16.09 17.26 -34.31
C HIS A 42 -17.42 16.97 -33.62
N ALA A 43 -18.53 17.19 -34.34
CA ALA A 43 -19.85 17.01 -33.76
C ALA A 43 -20.21 15.53 -33.62
N ALA A 44 -19.69 14.66 -34.49
CA ALA A 44 -19.87 13.23 -34.26
C ALA A 44 -19.14 12.78 -33.01
N LYS A 45 -17.94 13.33 -32.77
CA LYS A 45 -17.20 13.00 -31.55
C LYS A 45 -17.98 13.44 -30.31
N ALA A 46 -18.57 14.63 -30.34
CA ALA A 46 -19.33 15.10 -29.18
C ALA A 46 -20.60 14.28 -29.00
N ILE A 47 -21.36 14.08 -30.08
CA ILE A 47 -22.60 13.30 -30.02
C ILE A 47 -22.32 11.91 -29.47
N THR A 48 -21.25 11.26 -29.93
CA THR A 48 -20.96 9.91 -29.48
C THR A 48 -20.49 9.88 -28.02
N ARG A 49 -19.57 10.77 -27.64
CA ARG A 49 -19.17 10.79 -26.23
C ARG A 49 -20.32 11.17 -25.31
N LEU A 50 -21.36 11.81 -25.84
CA LEU A 50 -22.58 12.06 -25.07
C LEU A 50 -23.54 10.88 -25.12
N GLN A 51 -23.40 9.98 -26.09
CA GLN A 51 -24.15 8.74 -26.07
C GLN A 51 -23.53 7.72 -25.12
N HIS A 52 -22.19 7.69 -25.06
CA HIS A 52 -21.46 6.83 -24.14
C HIS A 52 -21.64 7.26 -22.70
N LEU A 53 -21.90 8.56 -22.49
CA LEU A 53 -22.25 9.05 -21.16
C LEU A 53 -23.76 9.03 -20.94
N GLY A 54 -24.53 8.48 -21.89
CA GLY A 54 -25.93 8.17 -21.72
C GLY A 54 -26.91 9.33 -21.78
N VAL A 55 -26.47 10.52 -22.23
CA VAL A 55 -27.40 11.64 -22.29
C VAL A 55 -28.17 11.65 -23.61
N VAL A 56 -27.61 11.07 -24.68
CA VAL A 56 -28.21 11.09 -26.00
C VAL A 56 -28.62 9.67 -26.39
N GLU A 57 -29.92 9.47 -26.62
CA GLU A 57 -30.43 8.23 -27.22
C GLU A 57 -30.49 8.40 -28.73
N ALA A 58 -29.96 7.42 -29.47
CA ALA A 58 -29.66 7.59 -30.89
C ALA A 58 -30.58 6.71 -31.73
N ARG A 59 -31.75 7.25 -32.06
CA ARG A 59 -32.59 6.69 -33.12
C ARG A 59 -33.08 7.79 -34.05
N LEU A 66 -31.95 11.82 -33.20
CA LEU A 66 -31.25 12.06 -31.94
C LEU A 66 -32.09 12.94 -31.01
N THR A 67 -32.13 12.56 -29.73
CA THR A 67 -32.80 13.32 -28.69
C THR A 67 -31.98 13.22 -27.42
N LEU A 68 -32.43 13.92 -26.39
CA LEU A 68 -31.90 13.71 -25.05
C LEU A 68 -32.62 12.58 -24.35
N THR A 69 -31.91 11.93 -23.43
CA THR A 69 -32.52 10.98 -22.51
C THR A 69 -32.91 11.72 -21.23
N ASP A 70 -33.72 11.05 -20.40
CA ASP A 70 -34.01 11.58 -19.06
C ASP A 70 -32.72 11.83 -18.29
N LEU A 71 -31.79 10.89 -18.40
CA LEU A 71 -30.44 11.12 -17.91
C LEU A 71 -29.87 12.40 -18.51
N GLY A 72 -30.10 12.61 -19.80
CA GLY A 72 -29.58 13.79 -20.48
C GLY A 72 -30.07 15.10 -19.88
N ARG A 73 -31.18 15.08 -19.17
CA ARG A 73 -31.75 16.30 -18.64
C ARG A 73 -31.49 16.49 -17.17
N ARG A 74 -31.52 15.43 -16.36
CA ARG A 74 -31.34 15.64 -14.92
C ARG A 74 -29.87 15.63 -14.44
N VAL A 75 -28.89 15.65 -15.34
CA VAL A 75 -27.50 15.47 -14.92
C VAL A 75 -26.88 16.78 -14.49
N SER A 76 -26.08 16.71 -13.42
CA SER A 76 -25.24 17.82 -13.00
C SER A 76 -24.21 18.17 -14.08
N VAL A 77 -24.09 19.46 -14.37
CA VAL A 77 -23.15 19.91 -15.39
C VAL A 77 -21.72 19.86 -14.87
N GLY A 78 -21.50 20.17 -13.59
CA GLY A 78 -20.15 20.07 -13.06
C GLY A 78 -19.57 18.68 -13.21
N TRP A 79 -20.39 17.66 -12.96
CA TRP A 79 -19.99 16.27 -13.21
C TRP A 79 -19.82 15.98 -14.70
N LEU A 80 -20.74 16.48 -15.52
CA LEU A 80 -20.65 16.24 -16.96
C LEU A 80 -19.39 16.88 -17.54
N VAL A 81 -19.04 18.07 -17.06
CA VAL A 81 -17.81 18.74 -17.46
C VAL A 81 -16.60 17.97 -16.96
N ARG A 82 -16.63 17.56 -15.69
CA ARG A 82 -15.57 16.69 -15.19
C ARG A 82 -15.34 15.49 -16.11
N GLU A 83 -16.41 14.84 -16.56
CA GLU A 83 -16.24 13.63 -17.36
C GLU A 83 -15.77 13.96 -18.78
N LEU A 84 -16.22 15.08 -19.35
CA LEU A 84 -15.86 15.42 -20.74
C LEU A 84 -14.46 16.04 -20.81
N GLU A 85 -14.12 16.86 -19.84
CA GLU A 85 -12.83 17.55 -19.71
C GLU A 85 -11.77 16.71 -18.99
N GLY A 86 -12.17 15.64 -18.31
CA GLY A 86 -11.19 14.77 -17.68
C GLY A 86 -10.38 13.99 -18.69
N GLU A 87 -11.04 13.50 -19.76
CA GLU A 87 -10.31 12.88 -20.85
C GLU A 87 -9.39 13.88 -21.54
N ALA A 88 -9.80 15.15 -21.60
CA ALA A 88 -8.89 16.20 -22.06
C ALA A 88 -7.73 16.38 -21.09
N GLU A 89 -7.98 16.21 -19.79
CA GLU A 89 -6.89 16.27 -18.81
C GLU A 89 -5.93 15.11 -18.99
N VAL A 90 -6.43 14.01 -19.54
CA VAL A 90 -5.58 12.87 -19.82
C VAL A 90 -4.76 13.09 -21.09
N VAL A 91 -5.43 13.37 -22.20
CA VAL A 91 -4.74 13.45 -23.49
C VAL A 91 -3.87 14.71 -23.56
N ASP A 92 -4.45 15.86 -23.23
CA ASP A 92 -3.77 17.13 -23.45
C ASP A 92 -2.63 17.36 -22.45
N ALA A 93 -2.84 17.00 -21.18
CA ALA A 93 -1.83 17.26 -20.17
C ALA A 93 -0.69 16.24 -20.18
N GLU A 94 -0.76 15.21 -21.03
CA GLU A 94 0.36 14.28 -21.15
C GLU A 94 1.55 14.94 -21.82
N GLY A 95 1.32 15.97 -22.63
CA GLY A 95 2.39 16.68 -23.29
C GLY A 95 2.72 17.98 -22.59
N ASP A 96 2.53 18.04 -21.29
CA ASP A 96 2.95 19.20 -20.51
C ASP A 96 4.42 19.10 -20.11
N ASN A 97 4.81 17.96 -19.53
CA ASN A 97 6.17 17.60 -19.13
C ASN A 97 6.96 18.76 -18.52
N PRO A 98 6.43 19.47 -17.52
CA PRO A 98 7.19 20.58 -16.94
C PRO A 98 8.43 20.11 -16.17
N ALA A 99 9.36 21.05 -16.01
CA ALA A 99 10.67 20.83 -15.42
C ALA A 99 10.61 20.90 -13.89
N PRO A 100 11.67 20.46 -13.20
CA PRO A 100 11.68 20.55 -11.74
C PRO A 100 11.82 21.99 -11.24
N LEU A 101 10.87 22.40 -10.42
CA LEU A 101 10.87 23.70 -9.76
C LEU A 101 10.58 23.52 -8.28
N ARG A 102 11.27 24.30 -7.44
CA ARG A 102 11.03 24.25 -6.01
C ARG A 102 9.57 24.60 -5.72
N GLY A 103 8.88 23.70 -5.01
CA GLY A 103 7.49 23.90 -4.67
C GLY A 103 6.49 23.58 -5.75
N ALA A 104 6.91 22.92 -6.84
CA ALA A 104 6.02 22.70 -7.97
C ALA A 104 4.79 21.88 -7.60
N ALA A 105 4.98 20.84 -6.78
CA ALA A 105 3.87 19.95 -6.46
C ALA A 105 2.88 20.62 -5.51
N ARG A 106 3.36 21.56 -4.69
CA ARG A 106 2.44 22.29 -3.81
C ARG A 106 1.51 23.17 -4.64
N LEU A 107 2.04 23.74 -5.71
CA LEU A 107 1.19 24.47 -6.65
C LEU A 107 0.24 23.49 -7.33
N ARG A 108 0.77 22.43 -7.95
CA ARG A 108 -0.09 21.46 -8.61
C ARG A 108 -1.26 21.06 -7.72
N ARG A 109 -1.01 20.92 -6.41
CA ARG A 109 -2.09 20.76 -5.45
C ARG A 109 -3.09 21.90 -5.55
N ALA A 110 -2.59 23.15 -5.45
CA ALA A 110 -3.51 24.30 -5.45
C ALA A 110 -4.32 24.38 -6.74
N LEU A 111 -3.67 24.19 -7.89
CA LEU A 111 -4.36 24.26 -9.18
C LEU A 111 -5.44 23.20 -9.28
N ARG A 112 -5.17 21.98 -8.78
CA ARG A 112 -6.21 20.96 -8.80
C ARG A 112 -7.38 21.37 -7.90
N ASP A 113 -7.08 22.06 -6.80
CA ASP A 113 -8.14 22.52 -5.90
C ASP A 113 -9.04 23.58 -6.57
N ALA A 114 -8.43 24.65 -7.10
CA ALA A 114 -9.17 25.75 -7.74
C ALA A 114 -10.06 25.28 -8.88
N GLN A 115 -9.53 24.29 -9.63
CA GLN A 115 -10.30 23.50 -10.60
C GLN A 115 -11.49 22.83 -9.96
N GLU A 116 -11.29 22.23 -8.78
CA GLU A 116 -12.44 21.62 -8.12
C GLU A 116 -13.45 22.68 -7.69
N ALA A 117 -13.01 23.93 -7.45
CA ALA A 117 -13.98 24.99 -7.10
C ALA A 117 -14.75 25.48 -8.32
N PHE A 118 -14.04 25.72 -9.44
CA PHE A 118 -14.64 25.80 -10.75
C PHE A 118 -15.73 24.74 -10.95
N TYR A 119 -15.39 23.46 -10.75
CA TYR A 119 -16.41 22.40 -10.93
C TYR A 119 -17.48 22.46 -9.85
N ALA A 120 -17.13 22.91 -8.64
CA ALA A 120 -18.10 22.98 -7.55
C ALA A 120 -19.20 23.99 -7.86
N ALA A 121 -18.85 25.08 -8.53
CA ALA A 121 -19.85 26.07 -8.92
C ALA A 121 -20.76 25.56 -10.04
N LEU A 122 -20.33 24.54 -10.80
CA LEU A 122 -21.12 23.98 -11.89
C LEU A 122 -21.86 22.71 -11.51
N ASP A 123 -21.53 22.10 -10.38
CA ASP A 123 -22.28 20.94 -9.92
C ASP A 123 -23.76 21.20 -9.63
N PRO A 124 -24.18 22.39 -9.16
CA PRO A 124 -25.61 22.55 -8.80
C PRO A 124 -26.61 22.53 -9.96
N LEU A 125 -26.19 22.70 -11.21
CA LEU A 125 -27.11 23.02 -12.29
C LEU A 125 -27.19 21.94 -13.37
N THR A 126 -28.34 21.86 -14.00
CA THR A 126 -28.62 20.92 -15.07
C THR A 126 -28.59 21.62 -16.42
N VAL A 127 -28.85 20.86 -17.50
CA VAL A 127 -29.01 21.47 -18.81
C VAL A 127 -30.34 22.21 -18.91
N THR A 128 -31.37 21.73 -18.19
CA THR A 128 -32.65 22.42 -18.19
C THR A 128 -32.52 23.82 -17.56
N ASP A 129 -31.60 23.96 -16.60
CA ASP A 129 -31.31 25.27 -16.03
C ASP A 129 -30.62 26.18 -17.05
N LEU A 130 -29.77 25.60 -17.91
CA LEU A 130 -29.11 26.39 -18.94
C LEU A 130 -30.11 26.98 -19.93
N VAL A 131 -30.93 26.13 -20.53
CA VAL A 131 -31.94 26.55 -21.48
C VAL A 131 -33.27 26.63 -20.75
N ALA A 132 -33.45 27.69 -19.96
CA ALA A 132 -34.64 27.88 -19.14
C ALA A 132 -35.49 29.00 -19.73
N ALA A 133 -36.56 29.32 -19.03
CA ALA A 133 -37.45 30.40 -19.43
C ALA A 133 -38.42 30.71 -18.30
N PRO A 134 -38.07 31.61 -17.38
CA PRO A 134 -38.95 31.99 -16.26
C PRO A 134 -40.24 32.66 -16.74
N ARG B 2 1.42 6.01 -7.50
CA ARG B 2 0.76 5.31 -8.59
C ARG B 2 0.34 3.91 -8.17
N LEU B 3 -0.37 3.21 -9.07
CA LEU B 3 -1.01 1.93 -8.80
C LEU B 3 -0.29 0.79 -9.52
N THR B 4 -0.98 -0.34 -9.65
CA THR B 4 -0.52 -1.49 -10.42
C THR B 4 -1.24 -1.52 -11.76
N LYS B 5 -0.50 -1.86 -12.82
CA LYS B 5 -1.12 -1.98 -14.14
C LYS B 5 -2.28 -2.96 -14.11
N PHE B 6 -2.13 -4.08 -13.40
CA PHE B 6 -3.22 -5.04 -13.28
C PHE B 6 -4.39 -4.47 -12.49
N THR B 7 -4.12 -3.92 -11.30
CA THR B 7 -5.16 -3.32 -10.47
C THR B 7 -6.01 -2.36 -11.29
N ASP B 8 -5.36 -1.38 -11.92
CA ASP B 8 -6.01 -0.52 -12.90
C ASP B 8 -6.84 -1.31 -13.90
N LEU B 9 -6.21 -2.24 -14.62
CA LEU B 9 -6.91 -3.02 -15.64
C LEU B 9 -8.22 -3.60 -15.12
N ALA B 10 -8.17 -4.28 -13.98
CA ALA B 10 -9.38 -4.89 -13.42
C ALA B 10 -10.39 -3.83 -13.00
N LEU B 11 -9.93 -2.76 -12.35
CA LEU B 11 -10.81 -1.66 -11.97
C LEU B 11 -11.59 -1.12 -13.16
N ARG B 12 -10.87 -0.71 -14.21
CA ARG B 12 -11.51 -0.27 -15.45
C ARG B 12 -12.46 -1.31 -16.00
N SER B 13 -12.08 -2.59 -15.91
CA SER B 13 -12.90 -3.65 -16.49
C SER B 13 -14.24 -3.78 -15.77
N LEU B 14 -14.21 -3.97 -14.44
CA LEU B 14 -15.44 -4.08 -13.67
C LEU B 14 -16.19 -2.75 -13.62
N MET B 15 -15.47 -1.64 -13.76
CA MET B 15 -16.08 -0.32 -13.86
C MET B 15 -16.90 -0.23 -15.13
N ARG B 16 -16.38 -0.80 -16.22
CA ARG B 16 -17.15 -0.90 -17.45
C ARG B 16 -18.32 -1.88 -17.28
N LEU B 17 -18.11 -2.97 -16.55
CA LEU B 17 -19.20 -3.89 -16.27
C LEU B 17 -20.29 -3.25 -15.40
N ALA B 18 -19.95 -2.18 -14.68
CA ALA B 18 -20.96 -1.44 -13.94
C ALA B 18 -21.92 -0.70 -14.87
N VAL B 19 -21.45 -0.31 -16.06
CA VAL B 19 -22.15 0.64 -16.93
C VAL B 19 -23.50 0.13 -17.39
N VAL B 20 -23.53 -0.90 -18.23
CA VAL B 20 -24.79 -1.37 -18.81
C VAL B 20 -25.58 -2.14 -17.77
N ARG B 21 -26.86 -1.78 -17.62
CA ARG B 21 -27.73 -2.44 -16.64
C ARG B 21 -29.03 -2.98 -17.20
N ASP B 22 -29.50 -2.47 -18.34
CA ASP B 22 -30.67 -3.03 -19.00
C ASP B 22 -30.23 -4.06 -20.04
N GLY B 23 -31.18 -4.57 -20.82
CA GLY B 23 -30.84 -5.48 -21.90
C GLY B 23 -30.14 -4.75 -23.02
N ASP B 24 -29.01 -4.11 -22.70
CA ASP B 24 -28.39 -3.17 -23.63
C ASP B 24 -27.69 -3.89 -24.78
N GLU B 25 -26.85 -4.88 -24.47
CA GLU B 25 -26.03 -5.50 -25.50
C GLU B 25 -25.36 -6.78 -25.00
N PRO B 26 -24.76 -7.58 -25.89
CA PRO B 26 -23.94 -8.72 -25.44
C PRO B 26 -22.53 -8.28 -25.07
N LEU B 27 -22.10 -8.64 -23.86
CA LEU B 27 -20.77 -8.31 -23.36
C LEU B 27 -20.10 -9.53 -22.74
N ALA B 28 -18.91 -9.88 -23.24
CA ALA B 28 -18.09 -10.92 -22.63
C ALA B 28 -16.66 -10.39 -22.53
N THR B 29 -15.70 -11.30 -22.32
CA THR B 29 -14.31 -10.88 -22.17
C THR B 29 -13.71 -10.37 -23.49
N ARG B 30 -14.24 -10.80 -24.64
CA ARG B 30 -13.80 -10.21 -25.90
C ARG B 30 -14.19 -8.74 -25.95
N GLU B 31 -15.48 -8.46 -25.68
CA GLU B 31 -15.98 -7.10 -25.71
C GLU B 31 -15.26 -6.22 -24.69
N VAL B 32 -15.08 -6.71 -23.47
CA VAL B 32 -14.52 -5.88 -22.42
C VAL B 32 -12.99 -5.78 -22.57
N ALA B 33 -12.36 -6.81 -23.12
CA ALA B 33 -10.95 -6.72 -23.48
C ALA B 33 -10.74 -5.61 -24.49
N GLU B 34 -11.67 -5.46 -25.44
CA GLU B 34 -11.61 -4.33 -26.37
C GLU B 34 -11.86 -3.01 -25.64
N VAL B 35 -12.94 -2.93 -24.85
CA VAL B 35 -13.44 -1.65 -24.36
C VAL B 35 -12.36 -0.89 -23.56
N VAL B 36 -11.79 -1.54 -22.54
CA VAL B 36 -10.80 -0.85 -21.70
C VAL B 36 -9.45 -0.74 -22.37
N GLY B 37 -9.28 -1.31 -23.55
CA GLY B 37 -8.10 -1.06 -24.36
C GLY B 37 -6.89 -1.86 -23.97
N VAL B 38 -7.04 -3.19 -23.89
CA VAL B 38 -5.94 -4.06 -23.47
C VAL B 38 -6.01 -5.37 -24.23
N PRO B 39 -4.93 -6.14 -24.28
CA PRO B 39 -5.01 -7.48 -24.87
C PRO B 39 -6.03 -8.34 -24.13
N TYR B 40 -6.47 -9.40 -24.83
CA TYR B 40 -7.42 -10.35 -24.22
C TYR B 40 -6.77 -11.15 -23.10
N THR B 41 -5.44 -11.33 -23.16
CA THR B 41 -4.75 -12.17 -22.18
C THR B 41 -4.74 -11.51 -20.80
N HIS B 42 -4.61 -10.18 -20.76
CA HIS B 42 -4.63 -9.47 -19.49
C HIS B 42 -6.05 -9.31 -18.96
N ALA B 43 -7.02 -9.17 -19.88
CA ALA B 43 -8.41 -8.98 -19.49
C ALA B 43 -9.05 -10.27 -18.99
N ALA B 44 -8.62 -11.42 -19.51
CA ALA B 44 -9.07 -12.69 -18.93
C ALA B 44 -8.50 -12.87 -17.53
N LYS B 45 -7.25 -12.47 -17.30
CA LYS B 45 -6.67 -12.52 -15.97
C LYS B 45 -7.46 -11.65 -15.00
N ALA B 46 -7.81 -10.44 -15.42
CA ALA B 46 -8.57 -9.55 -14.55
C ALA B 46 -9.98 -10.08 -14.31
N ILE B 47 -10.68 -10.47 -15.39
CA ILE B 47 -12.02 -11.00 -15.28
C ILE B 47 -12.06 -12.22 -14.35
N THR B 48 -11.08 -13.11 -14.48
CA THR B 48 -11.08 -14.33 -13.69
C THR B 48 -10.79 -14.02 -12.22
N ARG B 49 -9.80 -13.18 -11.94
CA ARG B 49 -9.59 -12.80 -10.55
C ARG B 49 -10.78 -12.02 -9.99
N LEU B 50 -11.63 -11.45 -10.85
CA LEU B 50 -12.86 -10.80 -10.41
C LEU B 50 -14.01 -11.78 -10.24
N GLN B 51 -13.92 -12.95 -10.87
CA GLN B 51 -14.87 -14.02 -10.59
C GLN B 51 -14.50 -14.74 -9.29
N HIS B 52 -13.19 -14.89 -9.03
CA HIS B 52 -12.72 -15.50 -7.79
C HIS B 52 -13.00 -14.61 -6.59
N LEU B 53 -13.05 -13.30 -6.79
CA LEU B 53 -13.43 -12.37 -5.75
C LEU B 53 -14.93 -12.09 -5.71
N GLY B 54 -15.71 -12.79 -6.53
CA GLY B 54 -17.16 -12.78 -6.42
C GLY B 54 -17.86 -11.54 -6.94
N VAL B 55 -17.17 -10.67 -7.67
CA VAL B 55 -17.85 -9.50 -8.22
C VAL B 55 -18.48 -9.79 -9.58
N VAL B 56 -17.93 -10.75 -10.33
CA VAL B 56 -18.40 -11.07 -11.68
C VAL B 56 -18.97 -12.49 -11.66
N GLU B 57 -20.27 -12.62 -11.93
CA GLU B 57 -20.90 -13.92 -12.16
C GLU B 57 -20.82 -14.23 -13.64
N ALA B 58 -20.40 -15.44 -13.97
CA ALA B 58 -19.96 -15.76 -15.33
C ALA B 58 -20.98 -16.70 -15.97
N ARG B 59 -22.02 -16.11 -16.54
CA ARG B 59 -22.88 -16.80 -17.50
C ARG B 59 -23.13 -15.94 -18.73
N LEU B 66 -21.17 -12.37 -19.06
CA LEU B 66 -20.62 -11.76 -17.85
C LEU B 66 -21.41 -10.56 -17.39
N THR B 67 -21.64 -10.49 -16.07
CA THR B 67 -22.28 -9.35 -15.43
C THR B 67 -21.61 -9.14 -14.09
N LEU B 68 -22.04 -8.09 -13.39
CA LEU B 68 -21.64 -7.92 -12.00
C LEU B 68 -22.59 -8.67 -11.09
N THR B 69 -22.07 -9.10 -9.95
CA THR B 69 -22.90 -9.63 -8.89
C THR B 69 -23.29 -8.50 -7.94
N ASP B 70 -24.24 -8.78 -7.05
CA ASP B 70 -24.54 -7.83 -5.97
C ASP B 70 -23.27 -7.53 -5.18
N LEU B 71 -22.48 -8.58 -4.91
CA LEU B 71 -21.14 -8.41 -4.37
C LEU B 71 -20.33 -7.44 -5.23
N GLY B 72 -20.46 -7.57 -6.56
CA GLY B 72 -19.73 -6.70 -7.46
C GLY B 72 -20.03 -5.23 -7.28
N ARG B 73 -21.18 -4.88 -6.71
CA ARG B 73 -21.59 -3.49 -6.59
C ARG B 73 -21.41 -2.90 -5.20
N ARG B 74 -21.69 -3.64 -4.12
CA ARG B 74 -21.61 -3.03 -2.79
C ARG B 74 -20.22 -3.05 -2.14
N VAL B 75 -19.16 -3.36 -2.87
CA VAL B 75 -17.83 -3.54 -2.29
C VAL B 75 -17.09 -2.21 -2.15
N SER B 76 -16.41 -2.05 -1.01
CA SER B 76 -15.45 -0.96 -0.83
C SER B 76 -14.30 -1.06 -1.83
N VAL B 77 -13.99 0.06 -2.47
CA VAL B 77 -12.90 0.05 -3.44
C VAL B 77 -11.54 0.01 -2.74
N GLY B 78 -11.41 0.68 -1.60
CA GLY B 78 -10.14 0.60 -0.87
C GLY B 78 -9.79 -0.83 -0.50
N TRP B 79 -10.80 -1.59 -0.07
CA TRP B 79 -10.63 -3.02 0.19
C TRP B 79 -10.38 -3.79 -1.11
N LEU B 80 -11.09 -3.44 -2.18
CA LEU B 80 -10.94 -4.14 -3.46
C LEU B 80 -9.55 -3.92 -4.04
N VAL B 81 -9.04 -2.69 -3.93
CA VAL B 81 -7.68 -2.36 -4.35
C VAL B 81 -6.66 -3.07 -3.47
N ARG B 82 -6.87 -3.04 -2.14
CA ARG B 82 -6.02 -3.82 -1.25
C ARG B 82 -5.90 -5.26 -1.73
N GLU B 83 -7.03 -5.88 -2.09
CA GLU B 83 -7.00 -7.28 -2.48
C GLU B 83 -6.35 -7.48 -3.84
N LEU B 84 -6.53 -6.54 -4.78
CA LEU B 84 -5.96 -6.72 -6.11
C LEU B 84 -4.46 -6.38 -6.15
N GLU B 85 -4.05 -5.35 -5.43
CA GLU B 85 -2.67 -4.89 -5.37
C GLU B 85 -1.85 -5.63 -4.31
N GLY B 86 -2.49 -6.36 -3.41
CA GLY B 86 -1.74 -7.13 -2.43
C GLY B 86 -0.98 -8.28 -3.07
N GLU B 87 -1.60 -8.94 -4.04
CA GLU B 87 -0.89 -9.96 -4.80
C GLU B 87 0.28 -9.34 -5.57
N ALA B 88 0.12 -8.10 -6.02
CA ALA B 88 1.25 -7.38 -6.60
C ALA B 88 2.32 -7.10 -5.54
N GLU B 89 1.91 -6.82 -4.30
CA GLU B 89 2.86 -6.63 -3.21
C GLU B 89 3.62 -7.90 -2.88
N VAL B 90 3.02 -9.07 -3.10
CA VAL B 90 3.72 -10.33 -2.86
C VAL B 90 4.66 -10.64 -4.03
N VAL B 91 4.15 -10.61 -5.24
CA VAL B 91 4.94 -11.05 -6.39
C VAL B 91 6.06 -10.05 -6.69
N ASP B 92 5.72 -8.76 -6.79
CA ASP B 92 6.70 -7.79 -7.27
C ASP B 92 7.77 -7.49 -6.23
N ALA B 93 7.39 -7.39 -4.95
CA ALA B 93 8.33 -7.02 -3.89
C ALA B 93 9.23 -8.15 -3.44
N GLU B 94 9.06 -9.36 -3.97
CA GLU B 94 10.00 -10.43 -3.63
C GLU B 94 11.36 -10.18 -4.27
N GLY B 95 11.38 -9.43 -5.37
CA GLY B 95 12.62 -9.09 -6.04
C GLY B 95 13.01 -7.68 -5.67
N ASP B 96 12.65 -7.29 -4.44
CA ASP B 96 13.07 -6.01 -3.90
C ASP B 96 14.47 -6.12 -3.32
N ASN B 97 14.71 -7.17 -2.55
CA ASN B 97 16.02 -7.48 -1.97
C ASN B 97 16.70 -6.24 -1.39
N PRO B 98 16.05 -5.55 -0.44
CA PRO B 98 16.66 -4.33 0.13
C PRO B 98 17.95 -4.65 0.88
N ALA B 99 18.83 -3.65 0.92
CA ALA B 99 20.18 -3.67 1.48
C ALA B 99 20.17 -3.29 2.95
N PRO B 100 21.24 -3.59 3.68
CA PRO B 100 21.34 -3.11 5.07
C PRO B 100 21.63 -1.62 5.09
N LEU B 101 20.69 -0.86 5.64
CA LEU B 101 20.85 0.57 5.81
C LEU B 101 20.37 0.96 7.19
N ARG B 102 21.08 1.88 7.83
CA ARG B 102 20.62 2.39 9.11
C ARG B 102 19.24 3.02 8.97
N GLY B 103 18.28 2.52 9.73
CA GLY B 103 16.91 3.03 9.72
C GLY B 103 16.00 2.48 8.63
N ALA B 104 16.40 1.41 7.94
CA ALA B 104 15.58 0.89 6.85
C ALA B 104 14.22 0.40 7.34
N ALA B 105 14.18 -0.27 8.48
CA ALA B 105 12.95 -0.87 8.95
C ALA B 105 11.94 0.16 9.44
N ARG B 106 12.42 1.29 9.98
CA ARG B 106 11.51 2.35 10.40
C ARG B 106 10.84 2.98 9.19
N LEU B 107 11.59 3.09 8.09
CA LEU B 107 10.97 3.51 6.84
C LEU B 107 9.95 2.48 6.38
N ARG B 108 10.34 1.20 6.25
CA ARG B 108 9.38 0.18 5.83
C ARG B 108 8.08 0.28 6.62
N ARG B 109 8.20 0.57 7.91
CA ARG B 109 7.03 0.94 8.70
C ARG B 109 6.29 2.12 8.07
N ALA B 110 7.00 3.22 7.83
CA ALA B 110 6.33 4.43 7.36
C ALA B 110 5.66 4.22 6.00
N LEU B 111 6.36 3.58 5.06
CA LEU B 111 5.81 3.34 3.73
C LEU B 111 4.59 2.44 3.79
N ARG B 112 4.61 1.43 4.66
CA ARG B 112 3.41 0.60 4.80
C ARG B 112 2.25 1.39 5.40
N ASP B 113 2.56 2.31 6.33
CA ASP B 113 1.51 3.14 6.93
C ASP B 113 0.87 4.05 5.88
N ALA B 114 1.70 4.80 5.14
CA ALA B 114 1.20 5.66 4.07
C ALA B 114 0.39 4.87 3.04
N GLN B 115 0.87 3.67 2.68
CA GLN B 115 0.09 2.80 1.83
C GLN B 115 -1.29 2.56 2.43
N GLU B 116 -1.35 2.36 3.76
CA GLU B 116 -2.65 2.15 4.40
C GLU B 116 -3.52 3.41 4.36
N ALA B 117 -2.92 4.60 4.38
CA ALA B 117 -3.72 5.81 4.25
C ALA B 117 -4.27 5.94 2.83
N PHE B 118 -3.44 5.62 1.84
CA PHE B 118 -3.88 5.49 0.46
C PHE B 118 -5.14 4.64 0.37
N TYR B 119 -5.10 3.43 0.94
CA TYR B 119 -6.29 2.57 0.90
C TYR B 119 -7.42 3.13 1.73
N ALA B 120 -7.10 3.87 2.80
CA ALA B 120 -8.12 4.45 3.66
C ALA B 120 -8.96 5.47 2.92
N ALA B 121 -8.33 6.23 2.02
CA ALA B 121 -9.10 7.21 1.25
C ALA B 121 -10.01 6.55 0.22
N LEU B 122 -9.73 5.30 -0.14
CA LEU B 122 -10.53 4.58 -1.12
C LEU B 122 -11.54 3.62 -0.49
N ASP B 123 -11.42 3.35 0.80
CA ASP B 123 -12.41 2.51 1.47
C ASP B 123 -13.82 3.10 1.47
N PRO B 124 -14.05 4.42 1.51
CA PRO B 124 -15.43 4.90 1.61
C PRO B 124 -16.30 4.66 0.38
N LEU B 125 -15.73 4.37 -0.78
CA LEU B 125 -16.47 4.44 -2.03
C LEU B 125 -16.58 3.09 -2.72
N THR B 126 -17.68 2.92 -3.45
CA THR B 126 -17.99 1.70 -4.20
C THR B 126 -17.75 1.94 -5.70
N VAL B 127 -18.05 0.92 -6.50
CA VAL B 127 -17.99 1.09 -7.95
C VAL B 127 -19.13 1.96 -8.44
N THR B 128 -20.27 1.96 -7.75
CA THR B 128 -21.39 2.80 -8.16
C THR B 128 -21.08 4.28 -8.02
N ASP B 129 -20.26 4.66 -7.05
CA ASP B 129 -19.86 6.05 -6.90
C ASP B 129 -18.99 6.51 -8.06
N LEU B 130 -18.15 5.61 -8.60
CA LEU B 130 -17.29 5.95 -9.72
C LEU B 130 -18.12 6.31 -10.95
N VAL B 131 -19.00 5.40 -11.36
CA VAL B 131 -19.86 5.62 -12.51
C VAL B 131 -21.22 6.12 -12.00
N ALA B 132 -21.27 7.38 -11.59
CA ALA B 132 -22.48 7.94 -11.00
C ALA B 132 -23.10 8.91 -11.99
N ALA B 133 -24.15 9.60 -11.54
CA ALA B 133 -24.80 10.62 -12.35
C ALA B 133 -25.80 11.41 -11.50
N PRO B 134 -25.35 12.48 -10.83
CA PRO B 134 -26.24 13.29 -9.99
C PRO B 134 -27.31 13.99 -10.81
N ARG C 2 7.02 -11.22 14.17
CA ARG C 2 6.50 -12.23 13.24
C ARG C 2 5.84 -13.37 13.99
N LEU C 3 5.26 -14.31 13.25
CA LEU C 3 4.43 -15.37 13.81
C LEU C 3 5.14 -16.72 13.75
N THR C 4 4.36 -17.78 13.87
CA THR C 4 4.83 -19.16 13.71
C THR C 4 4.43 -19.67 12.34
N LYS C 5 5.34 -20.42 11.71
CA LYS C 5 5.03 -21.04 10.42
C LYS C 5 3.78 -21.90 10.52
N PHE C 6 3.63 -22.64 11.61
CA PHE C 6 2.42 -23.43 11.81
C PHE C 6 1.21 -22.53 12.04
N THR C 7 1.32 -21.57 12.97
CA THR C 7 0.23 -20.62 13.22
C THR C 7 -0.24 -19.98 11.92
N ASP C 8 0.70 -19.36 11.20
CA ASP C 8 0.44 -18.87 9.85
C ASP C 8 -0.33 -19.88 8.99
N LEU C 9 0.27 -21.05 8.79
CA LEU C 9 -0.31 -22.11 7.96
C LEU C 9 -1.76 -22.39 8.34
N ALA C 10 -2.02 -22.62 9.62
CA ALA C 10 -3.37 -22.94 10.08
C ALA C 10 -4.33 -21.79 9.85
N LEU C 11 -3.90 -20.56 10.16
CA LEU C 11 -4.71 -19.39 9.88
C LEU C 11 -5.09 -19.34 8.40
N ARG C 12 -4.09 -19.45 7.52
CA ARG C 12 -4.34 -19.52 6.08
C ARG C 12 -5.35 -20.61 5.73
N SER C 13 -5.23 -21.78 6.38
CA SER C 13 -6.09 -22.90 6.05
C SER C 13 -7.54 -22.64 6.44
N LEU C 14 -7.78 -22.32 7.71
CA LEU C 14 -9.16 -22.04 8.15
C LEU C 14 -9.69 -20.80 7.46
N MET C 15 -8.79 -19.90 7.05
CA MET C 15 -9.14 -18.72 6.28
C MET C 15 -9.65 -19.12 4.89
N ARG C 16 -9.00 -20.10 4.27
CA ARG C 16 -9.49 -20.64 3.00
C ARG C 16 -10.80 -21.39 3.20
N LEU C 17 -10.94 -22.09 4.32
CA LEU C 17 -12.19 -22.77 4.64
C LEU C 17 -13.31 -21.77 4.89
N ALA C 18 -12.99 -20.52 5.23
CA ALA C 18 -14.01 -19.49 5.36
C ALA C 18 -14.61 -19.10 4.01
N VAL C 19 -13.84 -19.22 2.94
CA VAL C 19 -14.18 -18.64 1.64
C VAL C 19 -15.47 -19.23 1.08
N VAL C 20 -15.46 -20.50 0.72
CA VAL C 20 -16.63 -21.08 0.07
C VAL C 20 -17.72 -21.32 1.10
N ARG C 21 -18.92 -20.82 0.81
CA ARG C 21 -20.06 -20.97 1.71
C ARG C 21 -21.30 -21.55 1.05
N ASP C 22 -21.44 -21.45 -0.26
CA ASP C 22 -22.53 -22.09 -0.98
C ASP C 22 -22.08 -23.45 -1.47
N GLY C 23 -22.92 -24.13 -2.24
CA GLY C 23 -22.54 -25.40 -2.82
C GLY C 23 -21.48 -25.23 -3.89
N ASP C 24 -20.35 -24.61 -3.51
CA ASP C 24 -19.36 -24.19 -4.50
C ASP C 24 -18.58 -25.38 -5.04
N GLU C 25 -18.02 -26.22 -4.14
CA GLU C 25 -17.13 -27.28 -4.60
C GLU C 25 -16.81 -28.28 -3.50
N PRO C 26 -16.19 -29.41 -3.85
CA PRO C 26 -15.64 -30.33 -2.83
C PRO C 26 -14.26 -29.87 -2.39
N LEU C 27 -14.09 -29.72 -1.08
CA LEU C 27 -12.82 -29.28 -0.50
C LEU C 27 -12.44 -30.19 0.66
N ALA C 28 -11.25 -30.77 0.59
CA ALA C 28 -10.72 -31.57 1.69
C ALA C 28 -9.26 -31.16 1.89
N THR C 29 -8.51 -31.99 2.62
CA THR C 29 -7.11 -31.66 2.91
C THR C 29 -6.24 -31.77 1.66
N ARG C 30 -6.64 -32.55 0.66
CA ARG C 30 -5.91 -32.53 -0.61
C ARG C 30 -6.06 -31.16 -1.27
N GLU C 31 -7.31 -30.72 -1.43
CA GLU C 31 -7.58 -29.43 -2.04
C GLU C 31 -6.96 -28.30 -1.22
N VAL C 32 -7.09 -28.36 0.10
CA VAL C 32 -6.62 -27.25 0.94
C VAL C 32 -5.10 -27.30 1.10
N ALA C 33 -4.52 -28.49 1.07
CA ALA C 33 -3.06 -28.60 1.01
C ALA C 33 -2.54 -27.93 -0.25
N GLU C 34 -3.25 -28.10 -1.37
CA GLU C 34 -2.87 -27.39 -2.59
C GLU C 34 -3.07 -25.88 -2.43
N VAL C 35 -4.27 -25.46 -2.00
CA VAL C 35 -4.69 -24.06 -2.16
C VAL C 35 -3.73 -23.10 -1.46
N VAL C 36 -3.47 -23.31 -0.17
CA VAL C 36 -2.62 -22.39 0.57
C VAL C 36 -1.15 -22.58 0.23
N GLY C 37 -0.82 -23.57 -0.58
CA GLY C 37 0.52 -23.71 -1.10
C GLY C 37 1.46 -24.38 -0.12
N VAL C 38 1.08 -25.55 0.38
CA VAL C 38 1.88 -26.23 1.39
C VAL C 38 1.79 -27.75 1.18
N PRO C 39 2.73 -28.55 1.69
CA PRO C 39 2.57 -30.00 1.61
C PRO C 39 1.31 -30.49 2.29
N TYR C 40 0.90 -31.70 1.94
CA TYR C 40 -0.27 -32.32 2.59
C TYR C 40 0.01 -32.64 4.05
N THR C 41 1.28 -32.86 4.41
CA THR C 41 1.62 -33.24 5.78
C THR C 41 1.45 -32.08 6.75
N HIS C 42 1.88 -30.87 6.35
CA HIS C 42 1.70 -29.71 7.21
C HIS C 42 0.25 -29.27 7.24
N ALA C 43 -0.47 -29.49 6.13
CA ALA C 43 -1.86 -29.11 6.05
C ALA C 43 -2.74 -30.07 6.82
N ALA C 44 -2.34 -31.34 6.92
CA ALA C 44 -2.98 -32.27 7.83
C ALA C 44 -2.71 -31.90 9.28
N LYS C 45 -1.47 -31.47 9.59
CA LYS C 45 -1.19 -31.02 10.96
C LYS C 45 -2.05 -29.82 11.32
N ALA C 46 -2.16 -28.85 10.41
CA ALA C 46 -2.96 -27.64 10.70
C ALA C 46 -4.44 -27.97 10.75
N ILE C 47 -4.94 -28.73 9.76
CA ILE C 47 -6.33 -29.14 9.74
C ILE C 47 -6.70 -29.85 11.02
N THR C 48 -5.82 -30.72 11.52
CA THR C 48 -6.11 -31.48 12.73
C THR C 48 -6.08 -30.60 13.96
N ARG C 49 -5.06 -29.75 14.11
CA ARG C 49 -5.07 -28.85 15.26
C ARG C 49 -6.22 -27.85 15.22
N LEU C 50 -6.81 -27.61 14.05
CA LEU C 50 -7.99 -26.77 13.95
C LEU C 50 -9.29 -27.55 14.14
N GLN C 51 -9.26 -28.86 13.94
CA GLN C 51 -10.41 -29.69 14.35
C GLN C 51 -10.40 -29.91 15.85
N HIS C 52 -9.21 -30.04 16.44
CA HIS C 52 -9.06 -30.17 17.88
C HIS C 52 -9.43 -28.89 18.60
N LEU C 53 -9.27 -27.74 17.95
CA LEU C 53 -9.72 -26.47 18.50
C LEU C 53 -11.14 -26.13 18.07
N GLY C 54 -11.82 -27.04 17.38
CA GLY C 54 -13.24 -26.93 17.11
C GLY C 54 -13.67 -25.98 16.01
N VAL C 55 -12.75 -25.50 15.18
CA VAL C 55 -13.17 -24.63 14.09
C VAL C 55 -13.56 -25.39 12.83
N VAL C 56 -13.02 -26.60 12.62
CA VAL C 56 -13.24 -27.38 11.40
C VAL C 56 -14.04 -28.63 11.74
N GLU C 57 -15.23 -28.75 11.15
CA GLU C 57 -16.03 -29.98 11.21
C GLU C 57 -15.69 -30.87 10.02
N ALA C 58 -15.45 -32.15 10.29
CA ALA C 58 -14.77 -33.07 9.37
C ALA C 58 -15.73 -34.14 8.84
N ARG C 59 -16.37 -33.85 7.71
CA ARG C 59 -17.04 -34.91 6.94
C ARG C 59 -16.59 -34.85 5.48
N LEU C 66 -14.64 -31.23 4.56
CA LEU C 66 -14.21 -30.29 5.59
C LEU C 66 -14.90 -28.93 5.40
N THR C 67 -15.38 -28.37 6.51
CA THR C 67 -15.98 -27.04 6.55
C THR C 67 -15.59 -26.36 7.85
N LEU C 68 -16.00 -25.10 7.99
CA LEU C 68 -15.92 -24.42 9.28
C LEU C 68 -17.17 -24.68 10.11
N THR C 69 -16.99 -24.64 11.42
CA THR C 69 -18.11 -24.64 12.36
C THR C 69 -18.50 -23.21 12.72
N ASP C 70 -19.65 -23.07 13.39
CA ASP C 70 -20.05 -21.78 13.94
C ASP C 70 -18.96 -21.24 14.87
N LEU C 71 -18.41 -22.13 15.70
CA LEU C 71 -17.21 -21.81 16.47
C LEU C 71 -16.10 -21.32 15.55
N GLY C 72 -15.95 -21.97 14.40
CA GLY C 72 -14.91 -21.61 13.45
C GLY C 72 -14.98 -20.18 12.95
N ARG C 73 -16.16 -19.56 13.00
CA ARG C 73 -16.35 -18.22 12.47
C ARG C 73 -16.40 -17.14 13.55
N ARG C 74 -17.00 -17.40 14.70
CA ARG C 74 -17.13 -16.31 15.68
C ARG C 74 -15.91 -16.15 16.61
N VAL C 75 -14.77 -16.78 16.31
CA VAL C 75 -13.62 -16.82 17.22
C VAL C 75 -12.74 -15.59 17.04
N SER C 76 -12.31 -15.05 18.18
CA SER C 76 -11.24 -14.05 18.19
C SER C 76 -9.96 -14.67 17.66
N VAL C 77 -9.32 -13.97 16.73
CA VAL C 77 -8.09 -14.48 16.15
C VAL C 77 -6.92 -14.30 17.11
N GLY C 78 -6.87 -13.22 17.88
CA GLY C 78 -5.80 -13.08 18.84
C GLY C 78 -5.75 -14.23 19.85
N TRP C 79 -6.92 -14.67 20.29
CA TRP C 79 -7.01 -15.86 21.13
C TRP C 79 -6.64 -17.12 20.35
N LEU C 80 -7.08 -17.21 19.10
CA LEU C 80 -6.77 -18.36 18.26
C LEU C 80 -5.27 -18.46 18.01
N VAL C 81 -4.62 -17.31 17.84
CA VAL C 81 -3.17 -17.23 17.70
C VAL C 81 -2.48 -17.62 18.99
N ARG C 82 -2.98 -17.11 20.12
CA ARG C 82 -2.47 -17.55 21.42
C ARG C 82 -2.47 -19.07 21.52
N GLU C 83 -3.57 -19.71 21.14
CA GLU C 83 -3.67 -21.15 21.31
C GLU C 83 -2.81 -21.90 20.29
N LEU C 84 -2.70 -21.38 19.06
CA LEU C 84 -1.93 -22.07 18.02
C LEU C 84 -0.43 -21.85 18.19
N GLU C 85 -0.03 -20.66 18.60
CA GLU C 85 1.37 -20.27 18.83
C GLU C 85 1.84 -20.61 20.23
N GLY C 86 0.92 -20.92 21.15
CA GLY C 86 1.33 -21.33 22.49
C GLY C 86 1.98 -22.69 22.52
N GLU C 87 1.45 -23.64 21.74
CA GLU C 87 2.11 -24.93 21.62
C GLU C 87 3.50 -24.79 21.00
N ALA C 88 3.64 -23.83 20.07
CA ALA C 88 4.97 -23.49 19.58
C ALA C 88 5.84 -22.89 20.69
N GLU C 89 5.21 -22.12 21.60
CA GLU C 89 5.95 -21.58 22.73
C GLU C 89 6.43 -22.68 23.66
N VAL C 90 5.71 -23.81 23.73
CA VAL C 90 6.17 -24.91 24.56
C VAL C 90 7.27 -25.71 23.87
N VAL C 91 7.00 -26.17 22.65
CA VAL C 91 7.92 -27.08 21.97
C VAL C 91 9.19 -26.33 21.54
N ASP C 92 9.02 -25.19 20.85
CA ASP C 92 10.14 -24.53 20.21
C ASP C 92 11.06 -23.85 21.22
N ALA C 93 10.51 -23.25 22.27
CA ALA C 93 11.30 -22.49 23.22
C ALA C 93 12.09 -23.37 24.19
N GLU C 94 11.94 -24.69 24.12
CA GLU C 94 12.74 -25.58 24.95
C GLU C 94 14.21 -25.60 24.56
N GLY C 95 14.55 -25.28 23.31
CA GLY C 95 15.93 -25.28 22.89
C GLY C 95 16.58 -23.92 22.83
N ASP C 96 16.13 -23.00 23.67
CA ASP C 96 16.80 -21.71 23.80
C ASP C 96 17.94 -21.78 24.80
N ASN C 97 17.67 -22.33 25.99
CA ASN C 97 18.62 -22.54 27.08
C ASN C 97 19.53 -21.33 27.24
N PRO C 98 19.00 -20.13 27.41
CA PRO C 98 19.87 -18.96 27.49
C PRO C 98 20.71 -18.94 28.76
N ALA C 99 21.82 -18.24 28.66
CA ALA C 99 22.79 -18.15 29.74
C ALA C 99 22.35 -17.08 30.74
N PRO C 100 22.96 -17.05 31.93
CA PRO C 100 22.61 -15.99 32.88
C PRO C 100 23.11 -14.64 32.40
N LEU C 101 22.21 -13.69 32.29
CA LEU C 101 22.54 -12.32 31.98
C LEU C 101 21.90 -11.45 33.04
N ARG C 102 22.65 -10.46 33.50
CA ARG C 102 22.11 -9.56 34.50
C ARG C 102 20.83 -8.93 33.97
N GLY C 103 19.75 -9.06 34.73
CA GLY C 103 18.51 -8.47 34.30
C GLY C 103 17.75 -9.27 33.26
N ALA C 104 18.15 -10.51 33.00
CA ALA C 104 17.51 -11.30 31.96
C ALA C 104 16.03 -11.50 32.24
N ALA C 105 15.67 -11.75 33.51
CA ALA C 105 14.28 -12.06 33.84
C ALA C 105 13.38 -10.83 33.74
N ARG C 106 13.93 -9.64 33.99
CA ARG C 106 13.15 -8.43 33.82
C ARG C 106 12.83 -8.24 32.35
N LEU C 107 13.77 -8.62 31.48
CA LEU C 107 13.51 -8.63 30.04
C LEU C 107 12.42 -9.63 29.72
N ARG C 108 12.61 -10.89 30.12
CA ARG C 108 11.61 -11.92 29.85
C ARG C 108 10.22 -11.45 30.24
N ARG C 109 10.11 -10.70 31.35
CA ARG C 109 8.86 -10.03 31.68
C ARG C 109 8.40 -9.13 30.55
N ALA C 110 9.27 -8.19 30.13
CA ALA C 110 8.86 -7.21 29.12
C ALA C 110 8.47 -7.88 27.80
N LEU C 111 9.29 -8.84 27.35
CA LEU C 111 9.01 -9.55 26.10
C LEU C 111 7.68 -10.30 26.17
N ARG C 112 7.37 -10.91 27.32
CA ARG C 112 6.06 -11.55 27.42
C ARG C 112 4.94 -10.52 27.37
N ASP C 113 5.18 -9.32 27.92
CA ASP C 113 4.18 -8.27 27.84
C ASP C 113 3.92 -7.86 26.40
N ALA C 114 4.99 -7.57 25.65
CA ALA C 114 4.84 -7.20 24.24
C ALA C 114 4.12 -8.29 23.46
N GLN C 115 4.45 -9.56 23.72
CA GLN C 115 3.68 -10.63 23.10
C GLN C 115 2.19 -10.51 23.43
N GLU C 116 1.86 -10.18 24.68
CA GLU C 116 0.45 -10.06 25.03
C GLU C 116 -0.22 -8.87 24.35
N ALA C 117 0.52 -7.80 24.09
CA ALA C 117 -0.07 -6.68 23.34
C ALA C 117 -0.26 -7.07 21.88
N PHE C 118 0.71 -7.79 21.31
CA PHE C 118 0.55 -8.41 20.01
C PHE C 118 -0.77 -9.17 19.91
N TYR C 119 -1.01 -10.09 20.85
CA TYR C 119 -2.28 -10.82 20.83
C TYR C 119 -3.46 -9.90 21.09
N ALA C 120 -3.25 -8.83 21.86
CA ALA C 120 -4.33 -7.90 22.20
C ALA C 120 -4.86 -7.20 20.96
N ALA C 121 -3.97 -6.86 20.03
CA ALA C 121 -4.42 -6.21 18.79
C ALA C 121 -5.17 -7.17 17.87
N LEU C 122 -4.98 -8.48 18.05
CA LEU C 122 -5.63 -9.48 17.22
C LEU C 122 -6.88 -10.07 17.86
N ASP C 123 -7.08 -9.81 19.16
CA ASP C 123 -8.30 -10.25 19.81
C ASP C 123 -9.59 -9.61 19.27
N PRO C 124 -9.60 -8.36 18.78
CA PRO C 124 -10.89 -7.78 18.37
C PRO C 124 -11.55 -8.42 17.15
N LEU C 125 -10.82 -9.21 16.35
CA LEU C 125 -11.30 -9.59 15.04
C LEU C 125 -11.45 -11.11 14.94
N THR C 126 -12.40 -11.52 14.11
CA THR C 126 -12.73 -12.91 13.85
C THR C 126 -12.17 -13.32 12.48
N VAL C 127 -12.48 -14.56 12.09
CA VAL C 127 -12.12 -14.96 10.73
C VAL C 127 -13.01 -14.25 9.71
N THR C 128 -14.24 -13.91 10.10
CA THR C 128 -15.12 -13.17 9.20
C THR C 128 -14.61 -11.76 8.95
N ASP C 129 -13.95 -11.15 9.93
CA ASP C 129 -13.31 -9.85 9.69
C ASP C 129 -12.14 -9.99 8.73
N LEU C 130 -11.43 -11.12 8.79
CA LEU C 130 -10.31 -11.33 7.89
C LEU C 130 -10.81 -11.42 6.44
N VAL C 131 -11.74 -12.33 6.19
CA VAL C 131 -12.31 -12.54 4.86
C VAL C 131 -13.67 -11.84 4.77
N ALA C 132 -13.65 -10.52 4.64
CA ALA C 132 -14.86 -9.72 4.62
C ALA C 132 -15.10 -9.18 3.21
N ALA C 133 -16.10 -8.31 3.10
CA ALA C 133 -16.42 -7.61 1.86
C ALA C 133 -17.42 -6.50 2.18
N PRO C 134 -16.93 -5.30 2.56
CA PRO C 134 -17.80 -4.16 2.91
C PRO C 134 -18.65 -3.67 1.74
N ARG D 2 2.79 1.86 -3.78
CA ARG D 2 4.24 1.88 -3.86
C ARG D 2 4.73 3.24 -4.36
N LEU D 3 6.05 3.40 -4.40
CA LEU D 3 6.69 4.67 -4.67
C LEU D 3 7.33 4.68 -6.06
N THR D 4 8.25 5.63 -6.27
CA THR D 4 9.06 5.72 -7.47
C THR D 4 10.45 5.20 -7.17
N LYS D 5 11.04 4.47 -8.12
CA LYS D 5 12.41 4.00 -7.95
C LYS D 5 13.34 5.17 -7.65
N PHE D 6 13.14 6.30 -8.34
CA PHE D 6 13.94 7.48 -8.08
C PHE D 6 13.65 8.07 -6.70
N THR D 7 12.38 8.32 -6.38
CA THR D 7 12.00 8.85 -5.07
C THR D 7 12.65 8.05 -3.95
N ASP D 8 12.39 6.75 -3.93
CA ASP D 8 13.07 5.80 -3.04
C ASP D 8 14.58 6.04 -2.98
N LEU D 9 15.25 5.93 -4.13
CA LEU D 9 16.70 6.10 -4.20
C LEU D 9 17.18 7.36 -3.50
N ALA D 10 16.57 8.50 -3.84
CA ALA D 10 16.99 9.77 -3.25
C ALA D 10 16.76 9.79 -1.75
N LEU D 11 15.61 9.30 -1.30
CA LEU D 11 15.35 9.19 0.13
C LEU D 11 16.45 8.43 0.84
N ARG D 12 16.73 7.21 0.37
CA ARG D 12 17.82 6.42 0.96
C ARG D 12 19.12 7.20 1.00
N SER D 13 19.41 7.97 -0.05
CA SER D 13 20.67 8.71 -0.09
C SER D 13 20.75 9.79 0.98
N LEU D 14 19.78 10.70 1.01
CA LEU D 14 19.83 11.76 2.02
C LEU D 14 19.66 11.20 3.43
N MET D 15 19.00 10.06 3.55
CA MET D 15 18.88 9.37 4.82
C MET D 15 20.24 8.88 5.30
N ARG D 16 21.05 8.37 4.35
CA ARG D 16 22.42 7.99 4.66
C ARG D 16 23.28 9.21 4.99
N LEU D 17 23.05 10.32 4.28
CA LEU D 17 23.76 11.56 4.59
C LEU D 17 23.37 12.14 5.93
N ALA D 18 22.20 11.77 6.47
CA ALA D 18 21.84 12.20 7.81
C ALA D 18 22.70 11.54 8.88
N VAL D 19 23.24 10.36 8.59
CA VAL D 19 23.86 9.49 9.59
C VAL D 19 25.07 10.16 10.23
N VAL D 20 26.13 10.39 9.45
CA VAL D 20 27.37 10.90 9.99
C VAL D 20 27.22 12.38 10.31
N ARG D 21 27.56 12.77 11.53
CA ARG D 21 27.47 14.16 11.96
C ARG D 21 28.75 14.71 12.57
N ASP D 22 29.65 13.88 13.08
CA ASP D 22 30.95 14.32 13.54
C ASP D 22 31.97 14.17 12.41
N GLY D 23 33.24 14.44 12.69
CA GLY D 23 34.29 14.24 11.71
C GLY D 23 34.55 12.76 11.46
N ASP D 24 33.52 12.03 11.06
CA ASP D 24 33.60 10.57 11.01
C ASP D 24 34.44 10.10 9.82
N GLU D 25 34.14 10.60 8.62
CA GLU D 25 34.79 10.07 7.42
C GLU D 25 34.56 10.93 6.20
N PRO D 26 35.27 10.68 5.09
CA PRO D 26 34.97 11.36 3.82
C PRO D 26 33.83 10.67 3.09
N LEU D 27 32.84 11.45 2.69
CA LEU D 27 31.67 10.94 1.96
C LEU D 27 31.38 11.82 0.76
N ALA D 28 31.36 11.21 -0.41
CA ALA D 28 30.97 11.90 -1.64
C ALA D 28 30.01 10.96 -2.37
N THR D 29 29.79 11.24 -3.66
CA THR D 29 28.85 10.44 -4.43
C THR D 29 29.38 9.03 -4.67
N ARG D 30 30.70 8.88 -4.71
CA ARG D 30 31.32 7.56 -4.84
C ARG D 30 30.98 6.69 -3.63
N GLU D 31 31.15 7.22 -2.43
CA GLU D 31 30.88 6.47 -1.21
C GLU D 31 29.41 6.10 -1.08
N VAL D 32 28.51 7.05 -1.32
CA VAL D 32 27.10 6.83 -1.02
C VAL D 32 26.44 5.97 -2.09
N ALA D 33 26.91 6.06 -3.34
CA ALA D 33 26.43 5.15 -4.38
C ALA D 33 26.69 3.70 -3.98
N GLU D 34 27.84 3.43 -3.37
CA GLU D 34 28.08 2.11 -2.81
C GLU D 34 27.13 1.82 -1.66
N VAL D 35 27.03 2.76 -0.71
CA VAL D 35 26.36 2.49 0.56
C VAL D 35 24.91 2.05 0.32
N VAL D 36 24.12 2.87 -0.39
CA VAL D 36 22.72 2.50 -0.58
C VAL D 36 22.50 1.47 -1.67
N GLY D 37 23.54 1.07 -2.39
CA GLY D 37 23.47 -0.06 -3.30
C GLY D 37 22.87 0.25 -4.66
N VAL D 38 23.41 1.25 -5.34
CA VAL D 38 22.91 1.66 -6.66
C VAL D 38 24.08 2.13 -7.52
N PRO D 39 23.93 2.17 -8.85
CA PRO D 39 24.99 2.73 -9.70
C PRO D 39 25.27 4.19 -9.39
N TYR D 40 26.45 4.64 -9.84
CA TYR D 40 26.83 6.04 -9.69
C TYR D 40 25.99 6.95 -10.58
N THR D 41 25.49 6.43 -11.71
CA THR D 41 24.77 7.27 -12.67
C THR D 41 23.42 7.69 -12.12
N HIS D 42 22.73 6.81 -11.40
CA HIS D 42 21.47 7.18 -10.76
C HIS D 42 21.71 8.03 -9.52
N ALA D 43 22.84 7.80 -8.84
CA ALA D 43 23.15 8.51 -7.60
C ALA D 43 23.58 9.95 -7.87
N ALA D 44 24.20 10.23 -9.02
CA ALA D 44 24.43 11.61 -9.40
C ALA D 44 23.13 12.35 -9.67
N LYS D 45 22.18 11.67 -10.32
CA LYS D 45 20.87 12.28 -10.56
C LYS D 45 20.16 12.59 -9.25
N ALA D 46 20.21 11.66 -8.29
CA ALA D 46 19.56 11.90 -7.01
C ALA D 46 20.26 12.99 -6.21
N ILE D 47 21.59 12.90 -6.11
CA ILE D 47 22.37 13.91 -5.40
C ILE D 47 22.10 15.30 -5.97
N THR D 48 22.04 15.41 -7.30
CA THR D 48 21.84 16.71 -7.92
C THR D 48 20.41 17.23 -7.70
N ARG D 49 19.40 16.38 -7.88
CA ARG D 49 18.04 16.84 -7.60
C ARG D 49 17.84 17.16 -6.13
N LEU D 50 18.67 16.62 -5.24
CA LEU D 50 18.62 16.98 -3.83
C LEU D 50 19.46 18.21 -3.50
N GLN D 51 20.41 18.56 -4.36
CA GLN D 51 21.09 19.84 -4.22
C GLN D 51 20.21 20.97 -4.73
N HIS D 52 19.43 20.70 -5.79
CA HIS D 52 18.48 21.66 -6.33
C HIS D 52 17.33 21.91 -5.38
N LEU D 53 17.00 20.93 -4.54
CA LEU D 53 15.98 21.11 -3.50
C LEU D 53 16.57 21.58 -2.17
N GLY D 54 17.87 21.90 -2.15
CA GLY D 54 18.49 22.59 -1.04
C GLY D 54 18.78 21.77 0.20
N VAL D 55 18.73 20.45 0.12
CA VAL D 55 19.06 19.64 1.30
C VAL D 55 20.55 19.32 1.41
N VAL D 56 21.27 19.28 0.28
CA VAL D 56 22.67 18.86 0.26
C VAL D 56 23.55 20.06 -0.11
N GLU D 57 24.45 20.43 0.80
CA GLU D 57 25.50 21.39 0.48
C GLU D 57 26.72 20.62 -0.01
N ALA D 58 27.27 21.03 -1.15
CA ALA D 58 28.21 20.21 -1.89
C ALA D 58 29.60 20.83 -1.84
N ARG D 59 30.33 20.52 -0.77
CA ARG D 59 31.78 20.74 -0.73
C ARG D 59 32.49 19.52 -0.18
N LEU D 66 30.27 16.31 0.52
CA LEU D 66 28.82 16.42 0.59
C LEU D 66 28.33 16.23 2.02
N THR D 67 27.40 17.10 2.43
CA THR D 67 26.76 17.01 3.73
C THR D 67 25.30 17.40 3.56
N LEU D 68 24.55 17.32 4.65
CA LEU D 68 23.23 17.90 4.68
C LEU D 68 23.32 19.37 5.09
N THR D 69 22.37 20.16 4.59
CA THR D 69 22.17 21.51 5.08
C THR D 69 21.17 21.49 6.21
N ASP D 70 21.08 22.62 6.93
CA ASP D 70 20.02 22.77 7.93
C ASP D 70 18.65 22.53 7.31
N LEU D 71 18.45 23.07 6.10
CA LEU D 71 17.28 22.71 5.31
C LEU D 71 17.17 21.20 5.16
N GLY D 72 18.30 20.53 4.92
CA GLY D 72 18.30 19.09 4.75
C GLY D 72 17.76 18.32 5.93
N ARG D 73 17.77 18.92 7.12
CA ARG D 73 17.34 18.23 8.32
C ARG D 73 15.94 18.64 8.78
N ARG D 74 15.56 19.90 8.67
CA ARG D 74 14.24 20.26 9.18
C ARG D 74 13.08 20.09 8.19
N VAL D 75 13.29 19.40 7.06
CA VAL D 75 12.26 19.34 6.02
C VAL D 75 11.26 18.23 6.29
N SER D 76 9.99 18.55 6.06
CA SER D 76 8.94 17.54 6.01
C SER D 76 9.20 16.56 4.86
N VAL D 77 9.10 15.27 5.15
CA VAL D 77 9.37 14.28 4.12
C VAL D 77 8.20 14.15 3.14
N GLY D 78 6.95 14.28 3.61
CA GLY D 78 5.83 14.18 2.68
C GLY D 78 5.88 15.20 1.57
N TRP D 79 6.30 16.41 1.91
CA TRP D 79 6.56 17.47 0.94
C TRP D 79 7.75 17.10 0.04
N LEU D 80 8.79 16.49 0.63
CA LEU D 80 9.97 16.10 -0.14
C LEU D 80 9.63 15.01 -1.15
N VAL D 81 8.79 14.06 -0.75
CA VAL D 81 8.29 13.02 -1.65
C VAL D 81 7.38 13.62 -2.71
N ARG D 82 6.48 14.52 -2.31
CA ARG D 82 5.70 15.26 -3.29
C ARG D 82 6.58 15.86 -4.38
N GLU D 83 7.68 16.50 -3.98
CA GLU D 83 8.52 17.16 -4.98
C GLU D 83 9.34 16.15 -5.81
N LEU D 84 9.77 15.04 -5.20
CA LEU D 84 10.58 14.08 -5.96
C LEU D 84 9.71 13.20 -6.86
N GLU D 85 8.55 12.78 -6.38
CA GLU D 85 7.60 11.95 -7.10
C GLU D 85 6.66 12.77 -7.99
N GLY D 86 6.63 14.10 -7.82
CA GLY D 86 5.83 14.92 -8.72
C GLY D 86 6.43 14.96 -10.12
N GLU D 87 7.75 15.04 -10.20
CA GLU D 87 8.43 14.91 -11.48
C GLU D 87 8.22 13.53 -12.08
N ALA D 88 8.13 12.49 -11.24
CA ALA D 88 7.76 11.17 -11.74
C ALA D 88 6.32 11.14 -12.24
N GLU D 89 5.42 11.86 -11.55
CA GLU D 89 4.03 11.97 -11.99
C GLU D 89 3.94 12.71 -13.31
N VAL D 90 4.90 13.58 -13.58
CA VAL D 90 4.94 14.29 -14.84
C VAL D 90 5.49 13.42 -15.96
N VAL D 91 6.71 12.89 -15.77
CA VAL D 91 7.38 12.17 -16.85
C VAL D 91 6.70 10.84 -17.11
N ASP D 92 6.49 10.04 -16.04
CA ASP D 92 6.03 8.68 -16.23
C ASP D 92 4.56 8.62 -16.63
N ALA D 93 3.72 9.48 -16.06
CA ALA D 93 2.29 9.43 -16.36
C ALA D 93 1.95 10.04 -17.71
N GLU D 94 2.93 10.60 -18.42
CA GLU D 94 2.67 11.10 -19.76
C GLU D 94 2.42 9.97 -20.75
N GLY D 95 2.94 8.78 -20.45
CA GLY D 95 2.73 7.62 -21.30
C GLY D 95 1.68 6.68 -20.77
N ASP D 96 0.69 7.22 -20.05
CA ASP D 96 -0.44 6.41 -19.61
C ASP D 96 -1.51 6.31 -20.68
N ASN D 97 -1.91 7.45 -21.26
CA ASN D 97 -2.89 7.56 -22.33
C ASN D 97 -4.11 6.65 -22.15
N PRO D 98 -4.82 6.75 -21.02
CA PRO D 98 -6.00 5.90 -20.82
C PRO D 98 -7.12 6.25 -21.79
N ALA D 99 -7.99 5.26 -21.98
CA ALA D 99 -9.12 5.19 -22.91
C ALA D 99 -10.36 5.80 -22.28
N PRO D 100 -11.38 6.11 -23.08
CA PRO D 100 -12.63 6.64 -22.50
C PRO D 100 -13.40 5.56 -21.74
N LEU D 101 -13.65 5.82 -20.47
CA LEU D 101 -14.48 4.97 -19.63
C LEU D 101 -15.47 5.85 -18.87
N ARG D 102 -16.71 5.38 -18.77
CA ARG D 102 -17.72 6.12 -18.04
C ARG D 102 -17.28 6.29 -16.60
N GLY D 103 -17.29 7.54 -16.13
CA GLY D 103 -16.92 7.82 -14.76
C GLY D 103 -15.43 7.88 -14.49
N ALA D 104 -14.61 7.91 -15.55
CA ALA D 104 -13.16 7.86 -15.36
C ALA D 104 -12.64 9.04 -14.56
N ALA D 105 -13.16 10.24 -14.84
CA ALA D 105 -12.61 11.44 -14.18
C ALA D 105 -13.00 11.49 -12.71
N ARG D 106 -14.12 10.88 -12.35
CA ARG D 106 -14.50 10.81 -10.94
C ARG D 106 -13.52 9.92 -10.19
N LEU D 107 -13.07 8.85 -10.84
CA LEU D 107 -12.01 8.02 -10.27
C LEU D 107 -10.73 8.81 -10.17
N ARG D 108 -10.24 9.34 -11.30
CA ARG D 108 -9.00 10.11 -11.28
C ARG D 108 -9.01 11.13 -10.16
N ARG D 109 -10.17 11.74 -9.87
CA ARG D 109 -10.33 12.53 -8.66
C ARG D 109 -9.97 11.69 -7.43
N ALA D 110 -10.60 10.51 -7.31
CA ALA D 110 -10.37 9.68 -6.12
C ALA D 110 -8.90 9.26 -5.98
N LEU D 111 -8.29 8.78 -7.07
CA LEU D 111 -6.90 8.34 -7.02
C LEU D 111 -5.97 9.50 -6.66
N ARG D 112 -6.25 10.70 -7.17
CA ARG D 112 -5.43 11.83 -6.75
C ARG D 112 -5.65 12.15 -5.28
N ASP D 113 -6.87 11.95 -4.79
CA ASP D 113 -7.17 12.19 -3.38
C ASP D 113 -6.40 11.22 -2.49
N ALA D 114 -6.50 9.92 -2.78
CA ALA D 114 -5.74 8.92 -2.03
C ALA D 114 -4.24 9.21 -2.09
N GLN D 115 -3.75 9.63 -3.26
CA GLN D 115 -2.36 10.08 -3.34
C GLN D 115 -2.07 11.19 -2.33
N GLU D 116 -3.00 12.14 -2.19
CA GLU D 116 -2.80 13.23 -1.23
C GLU D 116 -2.87 12.75 0.23
N ALA D 117 -3.65 11.71 0.52
CA ALA D 117 -3.67 11.16 1.88
C ALA D 117 -2.38 10.40 2.17
N PHE D 118 -1.91 9.64 1.18
CA PHE D 118 -0.58 9.03 1.23
C PHE D 118 0.46 10.06 1.62
N TYR D 119 0.53 11.17 0.90
CA TYR D 119 1.51 12.20 1.24
C TYR D 119 1.20 12.85 2.58
N ALA D 120 -0.09 12.90 2.95
CA ALA D 120 -0.48 13.50 4.22
C ALA D 120 0.09 12.73 5.41
N ALA D 121 0.18 11.40 5.28
CA ALA D 121 0.71 10.62 6.37
C ALA D 121 2.21 10.83 6.58
N LEU D 122 2.90 11.35 5.57
CA LEU D 122 4.34 11.56 5.63
C LEU D 122 4.72 13.00 5.96
N ASP D 123 3.77 13.92 5.90
CA ASP D 123 4.05 15.31 6.22
C ASP D 123 4.50 15.57 7.66
N PRO D 124 4.09 14.81 8.68
CA PRO D 124 4.49 15.17 10.06
C PRO D 124 5.98 15.00 10.36
N LEU D 125 6.73 14.25 9.57
CA LEU D 125 8.05 13.79 9.96
C LEU D 125 9.17 14.31 9.06
N THR D 126 10.36 14.43 9.65
CA THR D 126 11.56 14.90 8.98
C THR D 126 12.49 13.74 8.68
N VAL D 127 13.66 14.05 8.12
CA VAL D 127 14.70 13.04 7.95
C VAL D 127 15.30 12.64 9.28
N THR D 128 15.34 13.56 10.25
CA THR D 128 15.85 13.22 11.57
C THR D 128 14.96 12.20 12.27
N ASP D 129 13.65 12.21 11.99
CA ASP D 129 12.76 11.19 12.54
C ASP D 129 13.06 9.81 11.97
N LEU D 130 13.49 9.74 10.71
CA LEU D 130 13.81 8.45 10.09
C LEU D 130 14.99 7.78 10.80
N VAL D 131 16.13 8.47 10.87
CA VAL D 131 17.33 7.94 11.52
C VAL D 131 17.51 8.50 12.93
N ALA D 132 16.74 7.98 13.88
CA ALA D 132 16.70 8.45 15.26
C ALA D 132 17.33 7.44 16.21
N ALA D 133 17.21 7.71 17.52
CA ALA D 133 17.64 6.81 18.59
C ALA D 133 17.10 7.27 19.95
N PRO D 134 15.88 6.82 20.34
CA PRO D 134 15.27 7.18 21.62
C PRO D 134 16.05 6.70 22.85
N ARG E 2 7.43 -14.60 19.09
CA ARG E 2 8.86 -14.77 19.32
C ARG E 2 9.70 -13.83 18.44
N LEU E 3 11.02 -13.84 18.65
CA LEU E 3 11.92 -12.89 18.05
C LEU E 3 12.83 -13.52 16.99
N THR E 4 13.92 -12.84 16.66
CA THR E 4 14.95 -13.34 15.75
C THR E 4 16.16 -13.84 16.54
N LYS E 5 16.73 -14.96 16.08
CA LYS E 5 17.93 -15.50 16.71
C LYS E 5 19.06 -14.48 16.72
N PHE E 6 19.24 -13.75 15.61
CA PHE E 6 20.26 -12.71 15.55
C PHE E 6 19.92 -11.55 16.49
N THR E 7 18.70 -11.01 16.38
CA THR E 7 18.26 -9.92 17.25
C THR E 7 18.51 -10.27 18.71
N ASP E 8 17.97 -11.42 19.15
CA ASP E 8 18.28 -11.98 20.46
C ASP E 8 19.77 -11.92 20.78
N LEU E 9 20.58 -12.57 19.95
CA LEU E 9 22.03 -12.61 20.18
C LEU E 9 22.58 -11.22 20.46
N ALA E 10 22.22 -10.24 19.62
CA ALA E 10 22.71 -8.88 19.81
C ALA E 10 22.22 -8.30 21.13
N LEU E 11 20.95 -8.46 21.45
CA LEU E 11 20.42 -7.98 22.74
C LEU E 11 21.18 -8.56 23.91
N ARG E 12 21.25 -9.89 24.00
CA ARG E 12 22.02 -10.53 25.08
C ARG E 12 23.42 -9.95 25.14
N SER E 13 24.01 -9.68 23.97
CA SER E 13 25.38 -9.18 23.90
C SER E 13 25.50 -7.77 24.48
N LEU E 14 24.73 -6.81 23.96
CA LEU E 14 24.79 -5.42 24.45
C LEU E 14 24.28 -5.30 25.87
N MET E 15 23.36 -6.16 26.27
CA MET E 15 22.89 -6.23 27.65
C MET E 15 24.01 -6.68 28.57
N ARG E 16 24.80 -7.66 28.11
CA ARG E 16 25.97 -8.09 28.84
C ARG E 16 27.03 -6.98 28.88
N LEU E 17 27.18 -6.24 27.79
CA LEU E 17 28.06 -5.08 27.78
C LEU E 17 27.58 -3.97 28.69
N ALA E 18 26.28 -3.95 29.01
CA ALA E 18 25.79 -2.98 29.99
C ALA E 18 26.29 -3.28 31.39
N VAL E 19 26.58 -4.55 31.67
CA VAL E 19 26.83 -5.04 33.03
C VAL E 19 28.04 -4.37 33.66
N VAL E 20 29.23 -4.64 33.15
CA VAL E 20 30.45 -4.15 33.77
C VAL E 20 30.58 -2.65 33.49
N ARG E 21 30.79 -1.87 34.55
CA ARG E 21 30.94 -0.42 34.44
C ARG E 21 32.17 0.13 35.12
N ASP E 22 32.75 -0.57 36.10
CA ASP E 22 34.00 -0.15 36.71
C ASP E 22 35.15 -0.86 35.99
N GLY E 23 36.37 -0.68 36.50
CA GLY E 23 37.51 -1.38 35.95
C GLY E 23 37.46 -2.86 36.27
N ASP E 24 36.38 -3.52 35.86
CA ASP E 24 36.11 -4.88 36.32
C ASP E 24 37.04 -5.89 35.64
N GLU E 25 37.11 -5.85 34.31
CA GLU E 25 37.85 -6.88 33.58
C GLU E 25 38.04 -6.52 32.12
N PRO E 26 38.88 -7.25 31.38
CA PRO E 26 38.94 -7.07 29.92
C PRO E 26 37.83 -7.87 29.25
N LEU E 27 37.03 -7.18 28.43
CA LEU E 27 35.94 -7.81 27.70
C LEU E 27 35.99 -7.40 26.23
N ALA E 28 36.05 -8.38 25.34
CA ALA E 28 35.98 -8.15 23.91
C ALA E 28 35.00 -9.16 23.33
N THR E 29 35.07 -9.36 22.00
CA THR E 29 34.14 -10.27 21.33
C THR E 29 34.40 -11.73 21.68
N ARG E 30 35.63 -12.08 22.08
CA ARG E 30 35.89 -13.43 22.56
C ARG E 30 35.14 -13.68 23.87
N GLU E 31 35.32 -12.75 24.82
CA GLU E 31 34.68 -12.89 26.13
C GLU E 31 33.17 -12.93 25.99
N VAL E 32 32.62 -12.06 25.15
CA VAL E 32 31.17 -11.94 25.04
C VAL E 32 30.61 -13.09 24.20
N ALA E 33 31.38 -13.60 23.24
CA ALA E 33 30.97 -14.79 22.51
C ALA E 33 30.81 -15.97 23.46
N GLU E 34 31.73 -16.10 24.43
CA GLU E 34 31.56 -17.10 25.47
C GLU E 34 30.34 -16.79 26.35
N VAL E 35 30.25 -15.56 26.86
CA VAL E 35 29.32 -15.23 27.94
C VAL E 35 27.88 -15.54 27.55
N VAL E 36 27.40 -14.98 26.44
CA VAL E 36 26.01 -15.18 26.05
C VAL E 36 25.74 -16.53 25.40
N GLY E 37 26.78 -17.33 25.17
CA GLY E 37 26.61 -18.71 24.76
C GLY E 37 26.34 -18.96 23.30
N VAL E 38 27.20 -18.44 22.42
CA VAL E 38 27.03 -18.58 20.97
C VAL E 38 28.40 -18.70 20.32
N PRO E 39 28.44 -19.22 19.09
CA PRO E 39 29.69 -19.21 18.34
C PRO E 39 30.19 -17.79 18.15
N TYR E 40 31.50 -17.67 17.86
CA TYR E 40 32.08 -16.36 17.61
C TYR E 40 31.58 -15.76 16.30
N THR E 41 31.18 -16.60 15.35
CA THR E 41 30.78 -16.10 14.03
C THR E 41 29.48 -15.32 14.11
N HIS E 42 28.55 -15.77 14.94
CA HIS E 42 27.29 -15.05 15.12
C HIS E 42 27.47 -13.82 15.99
N ALA E 43 28.39 -13.89 16.96
CA ALA E 43 28.61 -12.82 17.90
C ALA E 43 29.38 -11.65 17.28
N ALA E 44 30.25 -11.93 16.31
CA ALA E 44 30.86 -10.85 15.55
C ALA E 44 29.82 -10.11 14.73
N LYS E 45 28.87 -10.84 14.14
CA LYS E 45 27.78 -10.22 13.40
C LYS E 45 26.96 -9.32 14.32
N ALA E 46 26.68 -9.79 15.53
CA ALA E 46 25.89 -8.97 16.45
C ALA E 46 26.67 -7.75 16.92
N ILE E 47 27.92 -7.95 17.38
CA ILE E 47 28.74 -6.83 17.82
C ILE E 47 28.88 -5.79 16.73
N THR E 48 29.09 -6.22 15.48
CA THR E 48 29.29 -5.26 14.40
C THR E 48 28.00 -4.52 14.06
N ARG E 49 26.87 -5.23 13.96
CA ARG E 49 25.62 -4.52 13.73
C ARG E 49 25.26 -3.61 14.90
N LEU E 50 25.84 -3.84 16.08
CA LEU E 50 25.68 -2.94 17.22
C LEU E 50 26.69 -1.80 17.24
N GLN E 51 27.81 -1.94 16.52
CA GLN E 51 28.72 -0.82 16.31
C GLN E 51 28.18 0.11 15.21
N HIS E 52 27.56 -0.48 14.19
CA HIS E 52 26.94 0.29 13.12
C HIS E 52 25.72 1.03 13.63
N LEU E 53 25.07 0.50 14.67
CA LEU E 53 23.96 1.16 15.33
C LEU E 53 24.41 2.03 16.50
N GLY E 54 25.72 2.15 16.72
CA GLY E 54 26.28 3.13 17.65
C GLY E 54 26.15 2.81 19.11
N VAL E 55 25.78 1.59 19.49
CA VAL E 55 25.70 1.27 20.91
C VAL E 55 27.04 0.79 21.46
N VAL E 56 27.90 0.22 20.62
CA VAL E 56 29.18 -0.37 21.05
C VAL E 56 30.32 0.46 20.46
N GLU E 57 31.14 1.06 21.34
CA GLU E 57 32.40 1.70 20.94
C GLU E 57 33.55 0.71 21.07
N ALA E 58 34.37 0.60 20.02
CA ALA E 58 35.30 -0.51 19.84
C ALA E 58 36.76 -0.06 19.91
N ARG E 59 37.30 -0.02 21.13
CA ARG E 59 38.76 0.03 21.31
C ARG E 59 39.21 -0.99 22.35
N LEU E 66 35.88 -3.42 24.01
CA LEU E 66 34.49 -3.08 23.71
C LEU E 66 33.75 -2.64 24.96
N THR E 67 32.97 -1.57 24.83
CA THR E 67 32.12 -1.07 25.89
C THR E 67 30.81 -0.58 25.27
N LEU E 68 29.88 -0.14 26.12
CA LEU E 68 28.74 0.58 25.62
C LEU E 68 29.08 2.05 25.49
N THR E 69 28.42 2.70 24.54
CA THR E 69 28.46 4.15 24.42
C THR E 69 27.30 4.72 25.24
N ASP E 70 27.32 6.04 25.43
CA ASP E 70 26.17 6.70 26.02
C ASP E 70 24.92 6.37 25.21
N LEU E 71 25.07 6.38 23.89
CA LEU E 71 24.04 5.86 23.00
C LEU E 71 23.68 4.43 23.39
N GLY E 72 24.68 3.61 23.69
CA GLY E 72 24.43 2.23 24.06
C GLY E 72 23.53 2.06 25.25
N ARG E 73 23.44 3.08 26.11
CA ARG E 73 22.66 2.98 27.33
C ARG E 73 21.31 3.67 27.26
N ARG E 74 21.20 4.83 26.61
CA ARG E 74 19.92 5.54 26.61
C ARG E 74 18.96 5.11 25.49
N VAL E 75 19.23 4.01 24.79
CA VAL E 75 18.44 3.65 23.62
C VAL E 75 17.20 2.88 24.05
N SER E 76 16.06 3.24 23.46
CA SER E 76 14.85 2.44 23.56
C SER E 76 15.07 1.08 22.91
N VAL E 77 14.65 0.03 23.61
CA VAL E 77 14.87 -1.32 23.10
C VAL E 77 13.90 -1.65 21.98
N GLY E 78 12.65 -1.19 22.07
CA GLY E 78 11.70 -1.48 21.01
C GLY E 78 12.16 -0.99 19.65
N TRP E 79 12.74 0.22 19.62
CA TRP E 79 13.36 0.72 18.40
C TRP E 79 14.60 -0.09 18.01
N LEU E 80 15.42 -0.48 19.00
CA LEU E 80 16.63 -1.24 18.71
C LEU E 80 16.27 -2.59 18.09
N VAL E 81 15.20 -3.21 18.58
CA VAL E 81 14.67 -4.44 18.02
C VAL E 81 14.13 -4.20 16.61
N ARG E 82 13.35 -3.13 16.43
CA ARG E 82 12.91 -2.77 15.09
C ARG E 82 14.08 -2.72 14.10
N GLU E 83 15.20 -2.10 14.50
CA GLU E 83 16.32 -1.97 13.58
C GLU E 83 17.03 -3.30 13.35
N LEU E 84 17.11 -4.14 14.39
CA LEU E 84 17.82 -5.41 14.22
C LEU E 84 16.97 -6.45 13.49
N GLU E 85 15.68 -6.48 13.77
CA GLU E 85 14.71 -7.40 13.18
C GLU E 85 14.14 -6.88 11.87
N GLY E 86 14.36 -5.61 11.54
CA GLY E 86 13.92 -5.11 10.25
C GLY E 86 14.75 -5.66 9.11
N GLU E 87 16.07 -5.75 9.32
CA GLU E 87 16.93 -6.41 8.35
C GLU E 87 16.56 -7.88 8.22
N ALA E 88 16.12 -8.49 9.32
CA ALA E 88 15.57 -9.84 9.25
C ALA E 88 14.26 -9.86 8.47
N GLU E 89 13.45 -8.81 8.61
CA GLU E 89 12.20 -8.69 7.86
C GLU E 89 12.46 -8.54 6.38
N VAL E 90 13.62 -7.99 6.04
CA VAL E 90 14.03 -7.86 4.65
C VAL E 90 14.59 -9.19 4.12
N VAL E 91 15.60 -9.74 4.80
CA VAL E 91 16.29 -10.91 4.29
C VAL E 91 15.41 -12.15 4.38
N ASP E 92 14.85 -12.41 5.57
CA ASP E 92 14.15 -13.68 5.80
C ASP E 92 12.80 -13.71 5.10
N ALA E 93 12.06 -12.60 5.10
CA ALA E 93 10.72 -12.58 4.55
C ALA E 93 10.70 -12.52 3.02
N GLU E 94 11.86 -12.43 2.38
CA GLU E 94 11.90 -12.48 0.92
C GLU E 94 11.57 -13.87 0.38
N GLY E 95 11.79 -14.91 1.18
CA GLY E 95 11.47 -16.27 0.77
C GLY E 95 10.19 -16.84 1.36
N ASP E 96 9.20 -15.98 1.62
CA ASP E 96 7.90 -16.45 2.08
C ASP E 96 6.98 -16.86 0.94
N ASN E 97 6.85 -16.00 -0.08
CA ASN E 97 6.10 -16.23 -1.30
C ASN E 97 4.72 -16.89 -1.10
N PRO E 98 3.84 -16.27 -0.30
CA PRO E 98 2.51 -16.87 -0.07
C PRO E 98 1.64 -16.87 -1.32
N ALA E 99 0.67 -17.78 -1.31
CA ALA E 99 -0.25 -18.03 -2.42
C ALA E 99 -1.43 -17.08 -2.35
N PRO E 100 -2.20 -16.95 -3.44
CA PRO E 100 -3.40 -16.09 -3.39
C PRO E 100 -4.50 -16.69 -2.53
N LEU E 101 -4.90 -15.95 -1.49
CA LEU E 101 -6.01 -16.32 -0.63
C LEU E 101 -6.90 -15.10 -0.42
N ARG E 102 -8.22 -15.32 -0.42
CA ARG E 102 -9.16 -14.25 -0.17
C ARG E 102 -8.89 -13.63 1.19
N GLY E 103 -8.70 -12.31 1.23
CA GLY E 103 -8.47 -11.58 2.46
C GLY E 103 -7.05 -11.59 2.98
N ALA E 104 -6.08 -12.03 2.19
CA ALA E 104 -4.71 -12.13 2.67
C ALA E 104 -4.14 -10.77 3.09
N ALA E 105 -4.41 -9.73 2.30
CA ALA E 105 -3.79 -8.42 2.55
C ALA E 105 -4.39 -7.74 3.78
N ARG E 106 -5.66 -8.00 4.09
CA ARG E 106 -6.26 -7.43 5.28
C ARG E 106 -5.61 -8.03 6.52
N LEU E 107 -5.27 -9.31 6.46
CA LEU E 107 -4.49 -9.92 7.54
C LEU E 107 -3.11 -9.29 7.61
N ARG E 108 -2.35 -9.32 6.50
CA ARG E 108 -1.01 -8.72 6.54
C ARG E 108 -1.05 -7.33 7.18
N ARG E 109 -2.12 -6.56 6.94
CA ARG E 109 -2.35 -5.35 7.71
C ARG E 109 -2.39 -5.65 9.21
N ALA E 110 -3.26 -6.58 9.62
CA ALA E 110 -3.42 -6.84 11.05
C ALA E 110 -2.13 -7.34 11.70
N LEU E 111 -1.45 -8.28 11.04
CA LEU E 111 -0.20 -8.84 11.54
C LEU E 111 0.89 -7.77 11.66
N ARG E 112 0.96 -6.85 10.68
CA ARG E 112 1.92 -5.76 10.82
C ARG E 112 1.52 -4.83 11.96
N ASP E 113 0.21 -4.67 12.17
CA ASP E 113 -0.27 -3.83 13.28
C ASP E 113 0.15 -4.44 14.62
N ALA E 114 -0.16 -5.73 14.83
CA ALA E 114 0.26 -6.42 16.03
C ALA E 114 1.78 -6.38 16.20
N GLN E 115 2.51 -6.53 15.10
CA GLN E 115 3.96 -6.32 15.17
C GLN E 115 4.27 -4.95 15.74
N GLU E 116 3.52 -3.93 15.33
CA GLU E 116 3.75 -2.59 15.85
C GLU E 116 3.35 -2.43 17.31
N ALA E 117 2.33 -3.17 17.79
CA ALA E 117 2.00 -3.09 19.20
C ALA E 117 3.04 -3.81 20.04
N PHE E 118 3.51 -4.95 19.54
CA PHE E 118 4.68 -5.62 20.09
C PHE E 118 5.82 -4.64 20.29
N TYR E 119 6.21 -3.91 19.23
CA TYR E 119 7.29 -2.93 19.38
C TYR E 119 6.87 -1.79 20.30
N ALA E 120 5.58 -1.48 20.34
CA ALA E 120 5.08 -0.39 21.18
C ALA E 120 5.29 -0.66 22.66
N ALA E 121 5.14 -1.93 23.08
CA ALA E 121 5.35 -2.27 24.48
C ALA E 121 6.83 -2.22 24.87
N LEU E 122 7.74 -2.29 23.90
CA LEU E 122 9.17 -2.31 24.17
C LEU E 122 9.86 -0.96 24.01
N ASP E 123 9.18 0.01 23.40
CA ASP E 123 9.75 1.34 23.26
C ASP E 123 9.99 2.09 24.58
N PRO E 124 9.19 1.93 25.65
CA PRO E 124 9.40 2.77 26.84
C PRO E 124 10.70 2.51 27.59
N LEU E 125 11.39 1.41 27.33
CA LEU E 125 12.47 0.96 28.20
C LEU E 125 13.82 0.97 27.49
N THR E 126 14.88 1.19 28.27
CA THR E 126 16.25 1.27 27.80
C THR E 126 16.99 -0.02 28.11
N VAL E 127 18.27 -0.07 27.75
CA VAL E 127 19.07 -1.22 28.19
C VAL E 127 19.31 -1.11 29.69
N THR E 128 19.34 0.11 30.22
CA THR E 128 19.53 0.30 31.64
C THR E 128 18.34 -0.23 32.44
N ASP E 129 17.12 -0.13 31.88
CA ASP E 129 15.96 -0.70 32.54
C ASP E 129 16.01 -2.23 32.56
N LEU E 130 16.59 -2.84 31.53
CA LEU E 130 16.75 -4.29 31.50
C LEU E 130 17.66 -4.75 32.64
N VAL E 131 18.86 -4.18 32.71
CA VAL E 131 19.85 -4.54 33.72
C VAL E 131 19.77 -3.53 34.87
N ALA E 132 18.74 -3.66 35.72
CA ALA E 132 18.52 -2.70 36.80
C ALA E 132 18.83 -3.34 38.14
N ALA E 133 18.57 -2.58 39.21
CA ALA E 133 18.75 -3.05 40.58
C ALA E 133 18.13 -2.07 41.55
N PRO E 134 16.83 -2.21 41.88
CA PRO E 134 16.13 -1.32 42.81
C PRO E 134 16.69 -1.39 44.23
#